data_8EAA
#
_entry.id   8EAA
#
_cell.length_a   100.013
_cell.length_b   43.338
_cell.length_c   67.109
_cell.angle_alpha   90.00
_cell.angle_beta   106.49
_cell.angle_gamma   90.00
#
_symmetry.space_group_name_H-M   'C 1 2 1'
#
loop_
_entity.id
_entity.type
_entity.pdbx_description
1 polymer 'NKG2-D type II integral membrane protein'
2 non-polymer N-{(1S)-2-(dimethylamino)-1-[3-methyl-5-(trifluoromethyl)phenyl]-2-oxoethyl}-4-[4-(trifluoromethyl)phenyl]pyridine-3-carboxamide
3 non-polymer DI(HYDROXYETHYL)ETHER
4 non-polymer GLYCEROL
5 water water
#
_entity_poly.entity_id   1
_entity_poly.type   'polypeptide(L)'
_entity_poly.pdbx_seq_one_letter_code
;MGPLTESYCGPCPKNWICYKNNCYQFFDEEKNWYESQASCMSQNASLLKVYSKEDQDLLKLVKSYHWMGLVHIPTNGSWQ
WEDGSSLSPNLLTIIEMQKGDCALYASSFKGYIENCSTPNTYICMQRTV
;
_entity_poly.pdbx_strand_id   B,A
#
loop_
_chem_comp.id
_chem_comp.type
_chem_comp.name
_chem_comp.formula
GOL non-polymer GLYCEROL 'C3 H8 O3'
PEG non-polymer DI(HYDROXYETHYL)ETHER 'C4 H10 O3'
VMW non-polymer N-{(1S)-2-(dimethylamino)-1-[3-methyl-5-(trifluoromethyl)phenyl]-2-oxoethyl}-4-[4-(trifluoromethyl)phenyl]pyridine-3-carboxamide 'C25 H21 F6 N3 O2'
#
# COMPACT_ATOMS: atom_id res chain seq x y z
N LEU A 4 4.21 -19.31 0.62
CA LEU A 4 3.12 -19.41 1.59
C LEU A 4 3.65 -19.59 3.01
N THR A 5 4.96 -19.74 3.15
CA THR A 5 5.54 -19.92 4.47
C THR A 5 5.49 -18.61 5.25
N GLU A 6 5.18 -18.72 6.54
CA GLU A 6 4.94 -17.55 7.38
C GLU A 6 6.24 -17.13 8.06
N SER A 7 6.50 -15.82 8.05
CA SER A 7 7.59 -15.25 8.82
C SER A 7 7.10 -13.94 9.43
N TYR A 8 8.02 -13.19 10.03
CA TYR A 8 7.71 -11.87 10.52
C TYR A 8 8.36 -10.81 9.65
N CYS A 9 7.95 -9.57 9.89
CA CYS A 9 8.39 -8.43 9.11
C CYS A 9 8.76 -7.33 10.07
N GLY A 10 9.95 -6.76 9.92
CA GLY A 10 10.33 -5.64 10.74
C GLY A 10 11.76 -5.75 11.21
N PRO A 11 12.06 -5.10 12.34
CA PRO A 11 11.09 -4.34 13.14
C PRO A 11 10.69 -3.00 12.50
N CYS A 12 9.47 -2.56 12.78
CA CYS A 12 8.97 -1.29 12.28
C CYS A 12 8.13 -0.63 13.36
N PRO A 13 7.96 0.69 13.31
CA PRO A 13 6.96 1.33 14.18
C PRO A 13 5.56 0.89 13.78
N LYS A 14 4.63 0.92 14.74
CA LYS A 14 3.32 0.30 14.52
C LYS A 14 2.55 0.97 13.39
N ASN A 15 2.74 2.27 13.17
CA ASN A 15 1.96 3.01 12.19
C ASN A 15 2.60 3.00 10.79
N TRP A 16 3.56 2.10 10.55
CA TRP A 16 4.23 2.01 9.27
C TRP A 16 3.82 0.70 8.59
N ILE A 17 3.72 0.74 7.25
CA ILE A 17 3.61 -0.50 6.49
C ILE A 17 4.94 -1.22 6.48
N CYS A 18 4.90 -2.54 6.69
CA CYS A 18 6.10 -3.37 6.62
C CYS A 18 6.03 -4.25 5.38
N TYR A 19 7.12 -4.29 4.62
CA TYR A 19 7.21 -5.17 3.45
C TYR A 19 8.65 -5.60 3.28
N LYS A 20 8.90 -6.90 3.37
CA LYS A 20 10.25 -7.45 3.20
C LYS A 20 11.26 -6.73 4.10
N ASN A 21 10.86 -6.48 5.34
CA ASN A 21 11.68 -5.92 6.41
C ASN A 21 12.06 -4.47 6.20
N ASN A 22 11.42 -3.77 5.26
CA ASN A 22 11.51 -2.33 5.18
C ASN A 22 10.20 -1.74 5.64
N CYS A 23 10.28 -0.57 6.25
CA CYS A 23 9.12 0.14 6.79
C CYS A 23 8.85 1.37 5.93
N TYR A 24 7.59 1.58 5.56
CA TYR A 24 7.17 2.68 4.71
C TYR A 24 6.06 3.47 5.36
N GLN A 25 6.10 4.80 5.18
CA GLN A 25 4.99 5.65 5.61
C GLN A 25 4.76 6.73 4.59
N PHE A 26 3.49 6.92 4.22
CA PHE A 26 3.09 7.93 3.26
CA PHE A 26 3.10 7.93 3.26
C PHE A 26 2.65 9.19 3.99
N PHE A 27 3.04 10.35 3.44
CA PHE A 27 2.69 11.64 3.99
C PHE A 27 1.97 12.46 2.94
N ASP A 28 0.72 12.86 3.23
CA ASP A 28 -0.08 13.59 2.28
C ASP A 28 -0.01 15.11 2.43
N GLU A 29 0.66 15.60 3.47
CA GLU A 29 0.87 17.03 3.62
C GLU A 29 2.03 17.44 2.71
N GLU A 30 1.75 18.33 1.75
CA GLU A 30 2.73 18.62 0.71
C GLU A 30 3.84 19.53 1.21
N LYS A 31 5.09 19.15 0.93
CA LYS A 31 6.27 19.85 1.40
C LYS A 31 7.30 19.84 0.27
N ASN A 32 8.20 20.83 0.29
CA ASN A 32 9.30 20.74 -0.67
C ASN A 32 10.24 19.60 -0.28
N TRP A 33 11.22 19.32 -1.14
CA TRP A 33 12.06 18.14 -0.92
C TRP A 33 12.80 18.23 0.40
N TYR A 34 13.34 19.40 0.71
CA TYR A 34 14.14 19.54 1.92
C TYR A 34 13.28 19.38 3.18
N GLU A 35 12.07 19.96 3.17
CA GLU A 35 11.18 19.85 4.32
C GLU A 35 10.72 18.41 4.49
N SER A 36 10.53 17.71 3.38
CA SER A 36 10.13 16.31 3.40
C SER A 36 11.25 15.47 4.00
N GLN A 37 12.49 15.69 3.56
CA GLN A 37 13.62 14.99 4.17
C GLN A 37 13.71 15.26 5.67
N ALA A 38 13.51 16.52 6.07
CA ALA A 38 13.56 16.84 7.50
C ALA A 38 12.47 16.12 8.26
N SER A 39 11.28 15.97 7.65
CA SER A 39 10.19 15.29 8.32
C SER A 39 10.51 13.81 8.52
N CYS A 40 11.05 13.16 7.49
CA CYS A 40 11.46 11.76 7.63
C CYS A 40 12.54 11.62 8.70
N MET A 41 13.52 12.51 8.70
CA MET A 41 14.59 12.42 9.70
C MET A 41 14.05 12.58 11.13
N SER A 42 13.04 13.43 11.31
CA SER A 42 12.42 13.59 12.62
C SER A 42 11.78 12.30 13.11
N GLN A 43 11.53 11.36 12.20
CA GLN A 43 10.95 10.06 12.53
C GLN A 43 11.98 8.95 12.48
N ASN A 44 13.26 9.28 12.60
CA ASN A 44 14.34 8.29 12.52
C ASN A 44 14.28 7.52 11.20
N ALA A 45 14.04 8.26 10.11
CA ALA A 45 13.85 7.66 8.80
C ALA A 45 14.50 8.57 7.77
N SER A 46 14.39 8.16 6.51
CA SER A 46 14.87 8.94 5.39
C SER A 46 13.80 8.91 4.31
N LEU A 47 13.92 9.78 3.31
CA LEU A 47 13.03 9.64 2.16
C LEU A 47 13.27 8.30 1.48
N LEU A 48 12.24 7.80 0.82
CA LEU A 48 12.31 6.53 0.10
C LEU A 48 13.63 6.40 -0.67
N LYS A 49 14.30 5.27 -0.47
CA LYS A 49 15.47 4.90 -1.27
C LYS A 49 15.12 3.63 -2.03
N VAL A 50 15.31 3.64 -3.34
CA VAL A 50 15.04 2.48 -4.18
C VAL A 50 16.36 1.76 -4.44
N TYR A 51 16.50 0.56 -3.86
CA TYR A 51 17.71 -0.23 -4.02
C TYR A 51 17.46 -1.62 -4.62
N SER A 52 16.21 -2.09 -4.69
CA SER A 52 15.96 -3.43 -5.23
C SER A 52 14.54 -3.51 -5.78
N LYS A 53 14.41 -3.80 -7.08
CA LYS A 53 13.10 -3.99 -7.66
C LYS A 53 12.38 -5.18 -7.06
N GLU A 54 13.12 -6.22 -6.68
CA GLU A 54 12.50 -7.42 -6.13
C GLU A 54 12.10 -7.22 -4.66
N ASP A 55 13.01 -6.72 -3.83
CA ASP A 55 12.70 -6.58 -2.42
C ASP A 55 11.77 -5.41 -2.16
N GLN A 56 11.59 -4.52 -3.13
CA GLN A 56 10.69 -3.39 -3.01
C GLN A 56 9.63 -3.40 -4.12
N ASP A 57 9.20 -4.60 -4.53
CA ASP A 57 8.26 -4.69 -5.62
C ASP A 57 6.88 -4.11 -5.28
N LEU A 58 6.60 -3.90 -3.99
CA LEU A 58 5.37 -3.19 -3.64
C LEU A 58 5.29 -1.81 -4.29
N LEU A 59 6.44 -1.21 -4.64
CA LEU A 59 6.42 0.11 -5.26
C LEU A 59 5.71 0.12 -6.60
N LYS A 60 5.49 -1.05 -7.21
CA LYS A 60 4.68 -1.11 -8.43
C LYS A 60 3.26 -0.64 -8.19
N LEU A 61 2.77 -0.75 -6.95
CA LEU A 61 1.41 -0.40 -6.58
C LEU A 61 1.27 1.04 -6.10
N VAL A 62 2.37 1.78 -5.99
CA VAL A 62 2.33 3.14 -5.48
C VAL A 62 1.93 4.07 -6.62
N LYS A 63 0.81 4.76 -6.44
CA LYS A 63 0.30 5.67 -7.45
C LYS A 63 0.56 7.11 -7.04
N SER A 64 0.24 8.01 -7.97
CA SER A 64 0.56 9.43 -7.86
C SER A 64 2.07 9.58 -7.80
N TYR A 65 2.54 10.73 -7.31
CA TYR A 65 3.93 11.13 -7.42
C TYR A 65 4.40 11.63 -6.07
N HIS A 66 5.52 11.09 -5.59
CA HIS A 66 5.95 11.37 -4.22
C HIS A 66 7.45 11.61 -4.17
N TRP A 67 7.88 12.51 -3.30
CA TRP A 67 9.32 12.70 -3.13
C TRP A 67 9.96 11.39 -2.69
N MET A 68 11.11 11.08 -3.29
CA MET A 68 12.05 10.08 -2.80
C MET A 68 13.40 10.77 -2.58
N GLY A 69 14.36 10.03 -2.03
CA GLY A 69 15.60 10.65 -1.60
C GLY A 69 16.68 10.84 -2.66
N LEU A 70 16.28 10.98 -3.92
CA LEU A 70 17.21 10.98 -5.05
C LEU A 70 17.47 12.41 -5.50
N VAL A 71 18.76 12.77 -5.58
CA VAL A 71 19.14 14.15 -5.86
C VAL A 71 20.22 14.17 -6.92
N HIS A 72 20.28 15.27 -7.65
CA HIS A 72 21.23 15.42 -8.74
C HIS A 72 22.32 16.39 -8.29
N ILE A 73 23.57 15.93 -8.33
CA ILE A 73 24.74 16.73 -8.00
C ILE A 73 25.26 17.34 -9.30
N PRO A 74 25.12 18.66 -9.50
CA PRO A 74 25.68 19.24 -10.74
C PRO A 74 27.12 19.71 -10.56
N SER A 78 25.68 13.41 -11.37
CA SER A 78 25.10 12.09 -11.21
C SER A 78 23.96 12.10 -10.20
N TRP A 79 23.02 11.17 -10.35
CA TRP A 79 21.96 11.00 -9.36
C TRP A 79 22.46 10.14 -8.21
N GLN A 80 22.16 10.54 -6.98
CA GLN A 80 22.58 9.80 -5.80
C GLN A 80 21.53 9.98 -4.71
N TRP A 81 21.64 9.17 -3.68
CA TRP A 81 20.68 9.16 -2.59
C TRP A 81 21.15 10.05 -1.43
N GLU A 82 20.26 10.23 -0.45
CA GLU A 82 20.58 11.02 0.74
C GLU A 82 21.80 10.46 1.46
N ASP A 83 21.83 9.14 1.68
CA ASP A 83 22.93 8.55 2.42
C ASP A 83 24.27 8.71 1.72
N GLY A 84 24.29 9.21 0.48
CA GLY A 84 25.51 9.38 -0.28
C GLY A 84 25.78 8.28 -1.28
N SER A 85 25.04 7.17 -1.21
CA SER A 85 25.22 6.09 -2.17
C SER A 85 24.68 6.50 -3.52
N SER A 86 25.26 5.93 -4.58
CA SER A 86 24.78 6.28 -5.90
C SER A 86 23.61 5.38 -6.31
N LEU A 87 22.90 5.83 -7.34
CA LEU A 87 21.77 5.09 -7.87
C LEU A 87 22.30 3.90 -8.66
N SER A 88 21.91 2.69 -8.27
CA SER A 88 22.28 1.51 -9.03
C SER A 88 21.53 1.50 -10.36
N PRO A 89 22.16 0.99 -11.42
CA PRO A 89 21.50 0.97 -12.72
C PRO A 89 20.36 -0.05 -12.76
N ASN A 90 19.48 0.12 -13.75
CA ASN A 90 18.38 -0.80 -13.98
C ASN A 90 17.41 -0.87 -12.80
N LEU A 91 17.29 0.25 -12.07
CA LEU A 91 16.31 0.35 -10.99
C LEU A 91 15.21 1.36 -11.30
N LEU A 92 15.57 2.54 -11.81
CA LEU A 92 14.61 3.60 -12.09
C LEU A 92 14.83 4.16 -13.49
N THR A 93 13.72 4.47 -14.17
CA THR A 93 13.75 5.21 -15.42
C THR A 93 13.51 6.68 -15.08
N ILE A 94 14.52 7.51 -15.31
CA ILE A 94 14.49 8.93 -14.93
C ILE A 94 14.03 9.74 -16.13
N ILE A 95 12.95 10.49 -15.96
CA ILE A 95 12.29 11.20 -17.04
C ILE A 95 12.20 12.68 -16.66
N GLU A 96 12.57 13.55 -17.59
CA GLU A 96 12.47 14.98 -17.34
C GLU A 96 11.02 15.40 -17.26
N MET A 97 10.76 16.43 -16.45
CA MET A 97 9.39 16.91 -16.28
C MET A 97 9.41 18.40 -15.94
N GLN A 98 9.95 18.74 -14.78
CA GLN A 98 10.14 20.11 -14.35
C GLN A 98 11.62 20.30 -14.08
N LYS A 99 12.18 21.44 -14.51
CA LYS A 99 13.60 21.65 -14.31
C LYS A 99 13.93 21.66 -12.83
N GLY A 100 14.93 20.87 -12.44
CA GLY A 100 15.26 20.77 -11.03
C GLY A 100 16.28 19.68 -10.79
N ASP A 101 16.64 19.53 -9.52
CA ASP A 101 17.68 18.61 -9.10
C ASP A 101 17.17 17.52 -8.16
N CYS A 102 15.86 17.37 -8.05
CA CYS A 102 15.24 16.34 -7.22
C CYS A 102 14.34 15.48 -8.10
N ALA A 103 13.79 14.41 -7.53
CA ALA A 103 12.98 13.51 -8.34
C ALA A 103 11.82 12.94 -7.53
N LEU A 104 10.66 12.81 -8.20
CA LEU A 104 9.47 12.20 -7.65
C LEU A 104 9.39 10.74 -8.10
N TYR A 105 9.13 9.84 -7.15
CA TYR A 105 8.81 8.47 -7.53
C TYR A 105 7.41 8.40 -8.13
N ALA A 106 7.26 7.60 -9.20
CA ALA A 106 5.96 7.23 -9.73
C ALA A 106 6.02 5.80 -10.23
N SER A 107 4.88 5.12 -10.25
CA SER A 107 4.83 3.75 -10.76
C SER A 107 4.95 3.75 -12.28
N SER A 108 5.63 2.75 -12.83
CA SER A 108 6.29 1.68 -12.11
C SER A 108 7.81 1.90 -12.21
N PHE A 109 8.45 2.15 -11.07
CA PHE A 109 9.90 2.38 -11.00
C PHE A 109 10.37 3.49 -11.94
N LYS A 110 9.66 4.60 -11.90
CA LYS A 110 9.99 5.81 -12.63
C LYS A 110 10.40 6.91 -11.65
N GLY A 111 11.30 7.78 -12.09
CA GLY A 111 11.58 9.00 -11.38
C GLY A 111 11.35 10.18 -12.30
N TYR A 112 10.48 11.12 -11.91
CA TYR A 112 10.23 12.33 -12.68
C TYR A 112 11.00 13.48 -12.05
N ILE A 113 11.82 14.15 -12.87
CA ILE A 113 12.63 15.25 -12.37
C ILE A 113 11.73 16.43 -12.01
N GLU A 114 12.04 17.06 -10.87
CA GLU A 114 11.15 18.06 -10.28
C GLU A 114 12.02 19.07 -9.55
N ASN A 115 11.60 20.33 -9.58
CA ASN A 115 12.27 21.34 -8.77
C ASN A 115 12.16 20.98 -7.29
N CYS A 116 13.30 21.01 -6.59
CA CYS A 116 13.32 20.64 -5.18
C CYS A 116 12.40 21.53 -4.34
N SER A 117 12.09 22.73 -4.80
CA SER A 117 11.26 23.63 -4.03
C SER A 117 9.77 23.43 -4.24
N THR A 118 9.36 22.55 -5.13
CA THR A 118 7.93 22.37 -5.39
C THR A 118 7.32 21.49 -4.31
N PRO A 119 6.23 21.91 -3.67
CA PRO A 119 5.61 21.05 -2.67
C PRO A 119 5.00 19.80 -3.29
N ASN A 120 5.24 18.66 -2.63
CA ASN A 120 4.72 17.37 -3.09
C ASN A 120 4.48 16.49 -1.88
N THR A 121 3.65 15.47 -2.05
CA THR A 121 3.58 14.42 -1.04
C THR A 121 4.88 13.62 -1.06
N TYR A 122 5.08 12.79 -0.03
CA TYR A 122 6.37 12.14 0.11
C TYR A 122 6.22 10.81 0.84
N ILE A 123 7.24 9.96 0.67
CA ILE A 123 7.29 8.65 1.30
C ILE A 123 8.55 8.57 2.14
N CYS A 124 8.40 8.22 3.42
CA CYS A 124 9.53 7.94 4.29
C CYS A 124 9.75 6.44 4.37
N MET A 125 10.99 6.05 4.57
CA MET A 125 11.35 4.64 4.66
C MET A 125 12.36 4.45 5.76
N GLN A 126 12.19 3.37 6.53
CA GLN A 126 13.16 2.96 7.53
C GLN A 126 13.64 1.56 7.14
N ARG A 127 14.96 1.37 7.11
CA ARG A 127 15.53 0.04 6.93
C ARG A 127 15.83 -0.58 8.28
N THR A 128 15.85 -1.91 8.31
CA THR A 128 15.91 -2.64 9.56
C THR A 128 17.26 -3.31 9.81
N VAL A 129 18.19 -3.26 8.85
CA VAL A 129 19.48 -3.93 9.00
C VAL A 129 20.63 -2.97 8.73
N GLU B 6 9.55 0.35 17.93
CA GLU B 6 9.72 -0.68 16.90
C GLU B 6 9.30 -2.05 17.39
N SER B 7 8.58 -2.79 16.55
CA SER B 7 8.24 -4.16 16.86
C SER B 7 8.11 -4.95 15.57
N TYR B 8 7.92 -6.26 15.70
CA TYR B 8 7.75 -7.11 14.54
C TYR B 8 6.28 -7.22 14.18
N CYS B 9 6.01 -7.37 12.89
CA CYS B 9 4.65 -7.47 12.36
C CYS B 9 4.46 -8.84 11.74
N GLY B 10 3.34 -9.49 12.04
CA GLY B 10 3.02 -10.73 11.40
C GLY B 10 2.49 -11.75 12.38
N PRO B 11 2.66 -13.04 12.06
CA PRO B 11 3.36 -13.51 10.85
C PRO B 11 2.61 -13.27 9.54
N CYS B 12 3.36 -13.18 8.44
CA CYS B 12 2.77 -13.04 7.13
C CYS B 12 3.68 -13.74 6.13
N PRO B 13 3.15 -14.12 4.97
CA PRO B 13 4.00 -14.61 3.88
C PRO B 13 4.84 -13.48 3.33
N LYS B 14 5.92 -13.85 2.65
CA LYS B 14 6.98 -12.90 2.34
C LYS B 14 6.51 -11.78 1.43
N ASN B 15 5.59 -12.09 0.51
CA ASN B 15 5.17 -11.16 -0.54
C ASN B 15 3.91 -10.37 -0.17
N TRP B 16 3.57 -10.31 1.11
CA TRP B 16 2.39 -9.61 1.57
C TRP B 16 2.80 -8.40 2.38
N ILE B 17 1.98 -7.34 2.29
CA ILE B 17 2.16 -6.19 3.16
C ILE B 17 1.69 -6.55 4.55
N CYS B 18 2.44 -6.14 5.57
CA CYS B 18 2.04 -6.34 6.95
C CYS B 18 1.73 -5.00 7.58
N TYR B 19 0.60 -4.91 8.28
CA TYR B 19 0.24 -3.70 9.00
C TYR B 19 -0.55 -4.09 10.23
N LYS B 20 0.00 -3.75 11.40
CA LYS B 20 -0.67 -4.02 12.67
C LYS B 20 -1.10 -5.48 12.76
N ASN B 21 -0.21 -6.36 12.30
CA ASN B 21 -0.28 -7.82 12.37
C ASN B 21 -1.27 -8.45 11.41
N ASN B 22 -1.93 -7.67 10.57
CA ASN B 22 -2.70 -8.21 9.47
C ASN B 22 -1.87 -8.19 8.19
N CYS B 23 -2.10 -9.17 7.33
CA CYS B 23 -1.38 -9.31 6.07
C CYS B 23 -2.34 -9.01 4.93
N TYR B 24 -1.88 -8.21 3.95
CA TYR B 24 -2.71 -7.83 2.82
C TYR B 24 -1.97 -8.10 1.52
N GLN B 25 -2.71 -8.55 0.50
CA GLN B 25 -2.16 -8.71 -0.83
C GLN B 25 -3.17 -8.27 -1.86
N PHE B 26 -2.75 -7.42 -2.79
CA PHE B 26 -3.60 -6.93 -3.84
C PHE B 26 -3.42 -7.81 -5.07
N PHE B 27 -4.52 -8.08 -5.76
CA PHE B 27 -4.54 -8.90 -6.97
C PHE B 27 -5.13 -8.07 -8.11
N ASP B 28 -4.35 -7.90 -9.17
CA ASP B 28 -4.74 -7.06 -10.30
CA ASP B 28 -4.71 -7.06 -10.31
C ASP B 28 -5.60 -7.78 -11.32
N GLU B 29 -5.60 -9.11 -11.34
CA GLU B 29 -6.37 -9.85 -12.32
C GLU B 29 -7.84 -9.80 -11.95
N GLU B 30 -8.69 -9.28 -12.84
CA GLU B 30 -10.08 -9.07 -12.51
C GLU B 30 -10.85 -10.39 -12.47
N LYS B 31 -11.58 -10.60 -11.38
CA LYS B 31 -12.36 -11.81 -11.17
C LYS B 31 -13.67 -11.44 -10.50
N ASN B 32 -14.70 -12.25 -10.72
CA ASN B 32 -15.95 -12.06 -9.98
C ASN B 32 -15.72 -12.39 -8.50
N TRP B 33 -16.75 -12.13 -7.69
CA TRP B 33 -16.54 -12.26 -6.25
C TRP B 33 -16.18 -13.68 -5.88
N TYR B 34 -16.88 -14.65 -6.47
CA TYR B 34 -16.65 -16.05 -6.14
C TYR B 34 -15.25 -16.49 -6.52
N GLU B 35 -14.79 -16.11 -7.71
CA GLU B 35 -13.45 -16.48 -8.15
C GLU B 35 -12.40 -15.81 -7.27
N SER B 36 -12.65 -14.57 -6.85
CA SER B 36 -11.75 -13.87 -5.96
C SER B 36 -11.67 -14.57 -4.60
N GLN B 37 -12.83 -14.91 -4.03
CA GLN B 37 -12.85 -15.69 -2.80
C GLN B 37 -12.02 -16.96 -2.92
N ALA B 38 -12.20 -17.70 -4.02
CA ALA B 38 -11.46 -18.94 -4.22
C ALA B 38 -9.95 -18.69 -4.35
N SER B 39 -9.57 -17.59 -5.01
CA SER B 39 -8.17 -17.24 -5.11
C SER B 39 -7.56 -16.99 -3.74
N CYS B 40 -8.24 -16.20 -2.91
CA CYS B 40 -7.71 -15.98 -1.56
C CYS B 40 -7.63 -17.28 -0.77
N MET B 41 -8.65 -18.14 -0.91
CA MET B 41 -8.63 -19.39 -0.16
C MET B 41 -7.46 -20.26 -0.58
N SER B 42 -7.07 -20.20 -1.86
CA SER B 42 -5.93 -20.98 -2.32
C SER B 42 -4.62 -20.50 -1.68
N GLN B 43 -4.61 -19.28 -1.15
CA GLN B 43 -3.46 -18.73 -0.45
CA GLN B 43 -3.46 -18.74 -0.45
C GLN B 43 -3.61 -18.79 1.06
N ASN B 44 -4.43 -19.71 1.58
CA ASN B 44 -4.68 -19.80 3.01
C ASN B 44 -5.16 -18.47 3.58
N ALA B 45 -6.01 -17.77 2.82
CA ALA B 45 -6.45 -16.44 3.20
C ALA B 45 -7.93 -16.29 2.88
N SER B 46 -8.45 -15.09 3.15
CA SER B 46 -9.82 -14.72 2.84
C SER B 46 -9.80 -13.37 2.15
N LEU B 47 -10.91 -12.99 1.53
CA LEU B 47 -11.00 -11.60 1.07
C LEU B 47 -10.95 -10.66 2.27
N LEU B 48 -10.56 -9.42 2.01
CA LEU B 48 -10.47 -8.38 3.03
C LEU B 48 -11.69 -8.40 3.96
N LYS B 49 -11.44 -8.40 5.26
CA LYS B 49 -12.47 -8.18 6.26
C LYS B 49 -12.13 -6.88 6.96
N VAL B 50 -13.11 -5.99 7.08
CA VAL B 50 -12.93 -4.71 7.76
C VAL B 50 -13.54 -4.81 9.15
N TYR B 51 -12.71 -4.64 10.18
CA TYR B 51 -13.18 -4.72 11.56
C TYR B 51 -12.82 -3.50 12.41
N SER B 52 -11.91 -2.64 11.96
CA SER B 52 -11.45 -1.54 12.82
C SER B 52 -10.89 -0.44 11.95
N LYS B 53 -11.45 0.77 12.07
CA LYS B 53 -10.87 1.92 11.38
C LYS B 53 -9.51 2.30 11.92
N GLU B 54 -9.18 1.89 13.15
CA GLU B 54 -7.90 2.22 13.75
C GLU B 54 -6.83 1.19 13.40
N ASP B 55 -7.13 -0.09 13.64
CA ASP B 55 -6.19 -1.16 13.31
C ASP B 55 -5.97 -1.25 11.80
N GLN B 56 -6.92 -0.78 11.00
CA GLN B 56 -6.85 -0.90 9.54
C GLN B 56 -6.87 0.47 8.88
N ASP B 57 -6.27 1.48 9.53
CA ASP B 57 -6.31 2.82 8.94
C ASP B 57 -5.57 2.91 7.62
N LEU B 58 -4.70 1.95 7.31
CA LEU B 58 -4.07 1.93 5.99
C LEU B 58 -5.09 1.86 4.86
N LEU B 59 -6.30 1.38 5.13
CA LEU B 59 -7.32 1.29 4.07
C LEU B 59 -7.75 2.67 3.58
N LYS B 60 -7.48 3.73 4.35
CA LYS B 60 -7.70 5.08 3.85
C LYS B 60 -6.85 5.39 2.63
N LEU B 61 -5.74 4.68 2.46
CA LEU B 61 -4.81 4.96 1.38
C LEU B 61 -5.10 4.14 0.14
N VAL B 62 -6.04 3.21 0.20
CA VAL B 62 -6.31 2.35 -0.93
C VAL B 62 -6.97 3.15 -2.05
N LYS B 63 -6.48 2.98 -3.27
CA LYS B 63 -7.02 3.64 -4.44
C LYS B 63 -7.83 2.64 -5.26
N SER B 64 -8.88 3.14 -5.93
CA SER B 64 -9.82 2.33 -6.71
C SER B 64 -10.67 1.42 -5.83
N TYR B 65 -11.45 0.53 -6.43
CA TYR B 65 -12.37 -0.32 -5.68
C TYR B 65 -12.03 -1.78 -5.93
N HIS B 66 -12.27 -2.61 -4.92
CA HIS B 66 -11.74 -3.97 -4.86
C HIS B 66 -12.69 -4.86 -4.09
N TRP B 67 -12.82 -6.12 -4.51
CA TRP B 67 -13.65 -7.03 -3.75
C TRP B 67 -13.15 -7.16 -2.31
N MET B 68 -14.09 -7.14 -1.38
CA MET B 68 -13.88 -7.55 0.00
C MET B 68 -14.87 -8.66 0.35
N GLY B 69 -14.73 -9.21 1.54
CA GLY B 69 -15.47 -10.44 1.84
C GLY B 69 -16.87 -10.26 2.41
N LEU B 70 -17.53 -9.15 2.03
CA LEU B 70 -18.83 -8.80 2.56
C LEU B 70 -19.93 -9.22 1.59
N VAL B 71 -20.89 -9.99 2.09
CA VAL B 71 -21.94 -10.57 1.25
C VAL B 71 -23.29 -10.44 1.94
N HIS B 72 -24.34 -10.55 1.12
CA HIS B 72 -25.71 -10.52 1.58
C HIS B 72 -26.31 -11.90 1.36
N ILE B 73 -26.83 -12.51 2.42
CA ILE B 73 -27.39 -13.85 2.35
C ILE B 73 -28.91 -13.82 2.42
N GLY B 77 -31.40 -11.38 6.43
CA GLY B 77 -30.46 -10.90 7.42
C GLY B 77 -29.74 -9.61 7.03
N SER B 78 -28.55 -9.42 7.58
CA SER B 78 -27.72 -8.25 7.34
C SER B 78 -26.59 -8.62 6.40
N TRP B 79 -25.73 -7.65 6.10
CA TRP B 79 -24.47 -7.95 5.45
C TRP B 79 -23.57 -8.65 6.45
N GLN B 80 -22.85 -9.66 5.98
CA GLN B 80 -21.98 -10.45 6.83
C GLN B 80 -20.69 -10.76 6.09
N TRP B 81 -19.65 -11.09 6.85
CA TRP B 81 -18.36 -11.47 6.28
C TRP B 81 -18.34 -12.96 5.95
N GLU B 82 -17.33 -13.36 5.19
CA GLU B 82 -17.14 -14.77 4.87
C GLU B 82 -17.14 -15.62 6.14
N ASP B 83 -16.53 -15.13 7.21
CA ASP B 83 -16.41 -15.90 8.43
C ASP B 83 -17.70 -15.98 9.23
N GLY B 84 -18.83 -15.50 8.68
CA GLY B 84 -20.10 -15.56 9.35
C GLY B 84 -20.38 -14.43 10.31
N SER B 85 -19.37 -13.63 10.65
CA SER B 85 -19.58 -12.52 11.58
C SER B 85 -20.32 -11.38 10.88
N SER B 86 -21.02 -10.58 11.68
CA SER B 86 -21.77 -9.47 11.12
C SER B 86 -20.86 -8.27 10.90
N LEU B 87 -21.29 -7.39 10.00
CA LEU B 87 -20.62 -6.12 9.79
C LEU B 87 -20.82 -5.24 11.01
N SER B 88 -19.73 -4.82 11.63
CA SER B 88 -19.85 -3.95 12.80
C SER B 88 -20.41 -2.61 12.37
N PRO B 89 -21.26 -1.98 13.20
CA PRO B 89 -21.79 -0.67 12.84
C PRO B 89 -20.69 0.38 12.83
N ASN B 90 -20.96 1.45 12.07
CA ASN B 90 -20.11 2.65 12.04
C ASN B 90 -18.69 2.37 11.55
N LEU B 91 -18.53 1.31 10.75
CA LEU B 91 -17.26 0.99 10.11
C LEU B 91 -17.27 1.40 8.64
N LEU B 92 -18.34 1.05 7.91
CA LEU B 92 -18.40 1.30 6.48
C LEU B 92 -19.67 2.07 6.14
N THR B 93 -19.54 2.98 5.19
CA THR B 93 -20.70 3.61 4.57
C THR B 93 -21.07 2.80 3.34
N ILE B 94 -22.26 2.19 3.35
CA ILE B 94 -22.72 1.33 2.26
C ILE B 94 -23.44 2.18 1.22
N ILE B 95 -23.03 2.05 -0.04
CA ILE B 95 -23.60 2.79 -1.15
C ILE B 95 -24.08 1.81 -2.23
N GLU B 96 -25.28 2.06 -2.77
CA GLU B 96 -25.84 1.19 -3.80
C GLU B 96 -25.29 1.53 -5.18
N MET B 97 -24.55 0.62 -5.80
CA MET B 97 -23.99 0.86 -7.13
C MET B 97 -24.60 -0.03 -8.20
N GLN B 98 -24.72 -1.33 -7.92
CA GLN B 98 -25.29 -2.30 -8.83
C GLN B 98 -26.24 -3.20 -8.07
N LYS B 99 -27.24 -3.73 -8.77
CA LYS B 99 -28.01 -4.81 -8.19
C LYS B 99 -27.05 -5.96 -7.87
N GLY B 100 -26.93 -6.30 -6.60
CA GLY B 100 -25.94 -7.31 -6.24
C GLY B 100 -26.01 -7.69 -4.77
N ASP B 101 -25.35 -8.80 -4.45
CA ASP B 101 -25.30 -9.35 -3.10
C ASP B 101 -23.88 -9.40 -2.56
N CYS B 102 -22.95 -8.69 -3.19
CA CYS B 102 -21.56 -8.61 -2.77
C CYS B 102 -21.17 -7.14 -2.67
N ALA B 103 -20.00 -6.88 -2.08
CA ALA B 103 -19.58 -5.49 -1.92
C ALA B 103 -18.10 -5.28 -2.22
N LEU B 104 -17.81 -4.14 -2.86
CA LEU B 104 -16.46 -3.66 -3.08
C LEU B 104 -16.05 -2.69 -1.98
N TYR B 105 -14.80 -2.80 -1.55
CA TYR B 105 -14.21 -1.77 -0.71
C TYR B 105 -13.77 -0.58 -1.57
N ALA B 106 -14.05 0.64 -1.10
CA ALA B 106 -13.48 1.86 -1.66
C ALA B 106 -13.14 2.81 -0.53
N SER B 107 -12.10 3.63 -0.73
CA SER B 107 -11.71 4.57 0.31
C SER B 107 -12.62 5.80 0.29
N SER B 108 -12.86 6.39 1.46
CA SER B 108 -12.39 5.92 2.75
C SER B 108 -13.53 5.18 3.47
N PHE B 109 -13.32 3.88 3.71
CA PHE B 109 -14.27 3.07 4.48
C PHE B 109 -15.68 3.11 3.88
N LYS B 110 -15.75 2.91 2.58
CA LYS B 110 -17.02 2.74 1.88
C LYS B 110 -17.14 1.31 1.39
N GLY B 111 -18.40 0.86 1.26
CA GLY B 111 -18.69 -0.38 0.59
C GLY B 111 -19.70 -0.16 -0.51
N TYR B 112 -19.36 -0.56 -1.73
CA TYR B 112 -20.24 -0.40 -2.88
C TYR B 112 -20.94 -1.73 -3.11
N ILE B 113 -22.27 -1.72 -3.05
CA ILE B 113 -23.04 -2.91 -3.42
C ILE B 113 -22.86 -3.17 -4.91
N GLU B 114 -22.50 -4.41 -5.26
CA GLU B 114 -21.99 -4.75 -6.57
C GLU B 114 -22.51 -6.13 -6.96
N ASN B 115 -22.80 -6.34 -8.24
CA ASN B 115 -23.16 -7.68 -8.69
C ASN B 115 -21.99 -8.63 -8.45
N CYS B 116 -22.26 -9.75 -7.77
CA CYS B 116 -21.19 -10.70 -7.48
C CYS B 116 -20.52 -11.24 -8.73
N SER B 117 -21.22 -11.21 -9.87
CA SER B 117 -20.67 -11.71 -11.13
C SER B 117 -19.80 -10.69 -11.87
N THR B 118 -19.69 -9.46 -11.38
CA THR B 118 -18.89 -8.47 -12.09
C THR B 118 -17.40 -8.64 -11.79
N PRO B 119 -16.55 -8.76 -12.81
CA PRO B 119 -15.11 -8.85 -12.55
C PRO B 119 -14.58 -7.56 -11.94
N ASN B 120 -13.76 -7.72 -10.89
CA ASN B 120 -13.11 -6.61 -10.21
C ASN B 120 -11.75 -7.08 -9.69
N THR B 121 -10.86 -6.13 -9.43
CA THR B 121 -9.67 -6.46 -8.66
C THR B 121 -10.07 -6.78 -7.22
N TYR B 122 -9.14 -7.36 -6.46
CA TYR B 122 -9.55 -7.84 -5.14
C TYR B 122 -8.38 -7.77 -4.16
N ILE B 123 -8.71 -7.79 -2.87
CA ILE B 123 -7.72 -7.74 -1.81
C ILE B 123 -7.92 -8.96 -0.92
N CYS B 124 -6.86 -9.75 -0.76
CA CYS B 124 -6.86 -10.87 0.18
C CYS B 124 -6.21 -10.45 1.49
N MET B 125 -6.63 -11.09 2.57
CA MET B 125 -6.14 -10.76 3.90
C MET B 125 -5.91 -12.03 4.69
N GLN B 126 -4.85 -12.04 5.49
CA GLN B 126 -4.53 -13.15 6.38
C GLN B 126 -4.22 -12.58 7.75
N ARG B 127 -4.63 -13.30 8.80
CA ARG B 127 -4.30 -12.90 10.16
C ARG B 127 -3.90 -14.14 10.94
N THR B 128 -2.72 -14.09 11.55
CA THR B 128 -2.09 -15.21 12.24
C THR B 128 -1.98 -16.43 11.33
C1 VMW C . 2.13 0.25 -1.63
C12 VMW C . -1.73 3.27 -2.61
C14 VMW C . -3.04 1.59 -3.80
C16 VMW C . -3.27 0.80 -5.00
C17 VMW C . -3.23 1.38 -6.27
C19 VMW C . -3.77 -0.63 -7.23
C2 VMW C . 0.80 0.79 -1.24
C20 VMW C . -3.81 -1.28 -6.00
C21 VMW C . -3.55 -0.53 -4.85
C22 VMW C . -3.54 -1.23 -3.57
C23 VMW C . -2.51 -1.02 -2.64
C24 VMW C . -2.50 -1.72 -1.44
C25 VMW C . -3.52 -2.63 -1.14
C26 VMW C . -4.54 -2.84 -2.06
C27 VMW C . -4.55 -2.15 -3.27
C28 VMW C . -3.51 -3.40 0.13
C3 VMW C . 0.18 1.75 -2.04
C32 VMW C . -0.85 4.34 -3.11
C35 VMW C . -0.07 6.54 -2.58
C36 VMW C . -0.79 5.13 -0.79
C4 VMW C . -1.07 2.27 -1.70
C5 VMW C . -1.71 1.82 -0.55
C6 VMW C . -1.08 0.87 0.26
C7 VMW C . 0.17 0.34 -0.07
C8 VMW C . -1.76 0.42 1.49
F10 VMW C . -1.48 1.27 2.51
F11 VMW C . -3.09 0.44 1.37
F29 VMW C . -3.11 -4.68 -0.09
F30 VMW C . -2.60 -2.94 1.03
F31 VMW C . -4.73 -3.47 0.71
F9 VMW C . -1.39 -0.82 1.90
N13 VMW C . -2.03 2.50 -3.79
N18 VMW C . -3.48 0.68 -7.39
N34 VMW C . -0.78 5.38 -2.20
O15 VMW C . -3.82 1.38 -2.89
O33 VMW C . -0.32 4.33 -4.21
C1 PEG D . -3.06 5.86 7.28
O1 PEG D . -2.43 7.05 6.86
C2 PEG D . -2.02 4.78 7.62
O2 PEG D . -1.00 4.77 6.67
C3 PEG D . 0.08 3.95 7.04
C4 PEG D . 1.19 4.01 5.98
O4 PEG D . 1.44 5.33 5.59
C1 PEG E . 0.92 -6.15 -1.91
O1 PEG E . 0.07 -6.83 -2.78
C2 PEG E . 2.37 -6.41 -2.31
O2 PEG E . 2.58 -6.14 -3.66
C3 PEG E . 3.80 -6.63 -4.12
C4 PEG E . 3.84 -6.55 -5.65
O4 PEG E . 2.67 -7.08 -6.19
C1 GOL F . -24.68 -12.93 -8.65
O1 GOL F . -24.84 -12.51 -9.99
C2 GOL F . -25.66 -12.12 -7.75
O2 GOL F . -25.91 -12.77 -6.54
C3 GOL F . -24.96 -10.79 -7.60
O3 GOL F . -25.44 -10.20 -6.49
#